data_6D64
#
_entry.id   6D64
#
_cell.length_a   57.981
_cell.length_b   80.032
_cell.length_c   92.766
_cell.angle_alpha   90.00
_cell.angle_beta   90.00
_cell.angle_gamma   90.00
#
_symmetry.space_group_name_H-M   'P 21 21 21'
#
loop_
_entity.id
_entity.type
_entity.pdbx_description
1 polymer 'T-cell surface glycoprotein CD1b'
2 polymer Beta-2-microglobulin
3 branched alpha-D-mannopyranose-(1-3)-[alpha-D-mannopyranose-(1-6)]beta-D-mannopyranose-(1-4)-2-acetamido-2-deoxy-beta-D-glucopyranose-(1-4)-[alpha-L-fucopyranose-(1-3)][alpha-L-fucopyranose-(1-6)]2-acetamido-2-deoxy-beta-D-glucopyranose
4 branched alpha-L-fucopyranose-(1-3)-[2-acetamido-2-deoxy-beta-D-glucopyranose-(1-4)][alpha-L-fucopyranose-(1-6)]2-acetamido-2-deoxy-beta-D-glucopyranose
5 branched alpha-D-mannopyranose-(1-3)-beta-D-mannopyranose-(1-4)-2-acetamido-2-deoxy-beta-D-glucopyranose-(1-4)-[alpha-D-mannopyranose-(1-3)]2-acetamido-2-deoxy-beta-D-glucopyranose
6 non-polymer '(2S)-3-(hexadecanoyloxy)-2-[(9Z)-octadec-9-enoyloxy]propyl 2-(trimethylammonio)ethyl phosphate'
7 non-polymer 'tetracosyl octadecanoate'
8 non-polymer 'CHLORIDE ION'
9 non-polymer 1,2-ETHANEDIOL
10 non-polymer 'SODIUM ION'
11 non-polymer 'IODIDE ION'
12 water water
#
loop_
_entity_poly.entity_id
_entity_poly.type
_entity_poly.pdbx_seq_one_letter_code
_entity_poly.pdbx_strand_id
1 'polypeptide(L)'
;HAFQGPTSFHVIQTSSFTNSTWAQTQGSGWLDDLQIHGWDSDSGTAIFLKPWSKGNFSDKEVAELEEIFRVYIFGFAREV
QDFAGDFQMKYPFEIQGIAGCELHSGGAIVSFLRGALGGLDFLSVKNASCVPSPEGGSRAQKFCALIIQYQGIMETVRIL
LYETCPRYLLGVLNAGKADLQRQVKPEAWLSSGPSPGPGRLQLVCHVSGFYPKPVWVMWMRGEQEQQGTQLGDILPNANW
TWYLRATLDVADGEAAGLSCRVKHSSLEGQDIILYWRGSGLNDIFEAQKIEWHEHHHHHH
;
A
2 'polypeptide(L)'
;PKIQRTPKIQVYSRHPAENGKSNFLNCYVSGFHPSDIEVDLLKNGERIEKVEHSDLSFSKDWSFYLLYYTEFTPTEKDEY
ACRVNHVTLSQPKIVKWDRDM
;
B
#
loop_
_chem_comp.id
_chem_comp.type
_chem_comp.name
_chem_comp.formula
BMA D-saccharide, beta linking beta-D-mannopyranose 'C6 H12 O6'
CL non-polymer 'CHLORIDE ION' 'Cl -1'
CUY non-polymer 'tetracosyl octadecanoate' 'C42 H84 O2'
EDO non-polymer 1,2-ETHANEDIOL 'C2 H6 O2'
FUC L-saccharide, alpha linking alpha-L-fucopyranose 'C6 H12 O5'
IOD non-polymer 'IODIDE ION' 'I -1'
MAN D-saccharide, alpha linking alpha-D-mannopyranose 'C6 H12 O6'
NA non-polymer 'SODIUM ION' 'Na 1'
NAG D-saccharide, beta linking 2-acetamido-2-deoxy-beta-D-glucopyranose 'C8 H15 N O6'
POV non-polymer '(2S)-3-(hexadecanoyloxy)-2-[(9Z)-octadec-9-enoyloxy]propyl 2-(trimethylammonio)ethyl phosphate' 'C42 H82 N O8 P'
#
# COMPACT_ATOMS: atom_id res chain seq x y z
N PHE A 3 -10.95 -6.39 -19.11
CA PHE A 3 -10.27 -5.12 -18.92
C PHE A 3 -9.21 -5.23 -17.83
N GLN A 4 -8.19 -4.40 -17.92
CA GLN A 4 -7.08 -4.40 -16.97
C GLN A 4 -7.23 -3.28 -15.95
N GLY A 5 -6.36 -3.29 -14.95
CA GLY A 5 -6.42 -2.30 -13.90
C GLY A 5 -7.32 -2.73 -12.75
N PRO A 6 -7.56 -1.82 -11.80
CA PRO A 6 -8.31 -2.18 -10.59
C PRO A 6 -9.72 -2.65 -10.88
N THR A 7 -10.26 -3.45 -9.95
CA THR A 7 -11.59 -4.04 -10.07
C THR A 7 -12.42 -3.81 -8.80
N SER A 8 -11.97 -2.98 -7.87
CA SER A 8 -12.65 -2.84 -6.59
C SER A 8 -12.51 -1.43 -6.10
N PHE A 9 -13.46 -1.02 -5.26
CA PHE A 9 -13.41 0.28 -4.62
C PHE A 9 -13.59 0.09 -3.13
N HIS A 10 -12.84 0.84 -2.33
CA HIS A 10 -13.08 0.78 -0.89
C HIS A 10 -12.67 2.09 -0.24
N VAL A 11 -13.31 2.36 0.91
CA VAL A 11 -12.92 3.46 1.79
C VAL A 11 -12.28 2.84 3.03
N ILE A 12 -11.32 3.55 3.60
CA ILE A 12 -10.71 3.10 4.85
C ILE A 12 -10.80 4.20 5.88
N GLN A 13 -10.73 3.77 7.14
CA GLN A 13 -10.79 4.63 8.31
C GLN A 13 -9.71 4.18 9.27
N THR A 14 -8.94 5.13 9.81
CA THR A 14 -8.05 4.88 10.94
C THR A 14 -8.35 5.91 12.01
N SER A 15 -8.88 5.45 13.15
CA SER A 15 -9.30 6.33 14.25
C SER A 15 -8.40 6.03 15.45
N SER A 16 -7.63 7.04 15.86
CA SER A 16 -6.61 6.88 16.89
C SER A 16 -7.08 7.61 18.15
N PHE A 17 -7.30 6.87 19.21
CA PHE A 17 -7.79 7.40 20.47
C PHE A 17 -6.61 7.52 21.43
N THR A 18 -6.16 8.73 21.66
CA THR A 18 -5.02 8.97 22.53
C THR A 18 -5.37 8.85 23.97
N ASN A 19 -6.46 9.50 24.31
CA ASN A 19 -7.04 9.41 25.61
C ASN A 19 -8.51 9.70 25.53
N SER A 20 -9.14 9.79 26.68
CA SER A 20 -10.55 10.08 26.74
C SER A 20 -11.11 11.38 26.17
N THR A 21 -10.29 12.35 25.87
CA THR A 21 -10.77 13.55 25.29
C THR A 21 -10.11 13.94 23.98
N TRP A 22 -9.30 13.05 23.39
CA TRP A 22 -8.68 13.36 22.16
C TRP A 22 -8.61 12.16 21.21
N ALA A 23 -9.28 12.25 20.08
CA ALA A 23 -9.25 11.23 19.06
C ALA A 23 -9.20 11.91 17.69
N GLN A 24 -8.54 11.26 16.75
CA GLN A 24 -8.41 11.77 15.40
C GLN A 24 -8.60 10.63 14.41
N THR A 25 -9.18 10.94 13.26
CA THR A 25 -9.50 9.95 12.24
C THR A 25 -8.89 10.38 10.92
N GLN A 26 -8.26 9.44 10.23
CA GLN A 26 -7.82 9.60 8.85
C GLN A 26 -8.64 8.69 7.96
N GLY A 27 -8.97 9.16 6.77
CA GLY A 27 -9.74 8.35 5.85
C GLY A 27 -9.38 8.64 4.41
N SER A 28 -9.75 7.71 3.54
CA SER A 28 -9.39 7.84 2.13
C SER A 28 -10.17 6.82 1.33
N GLY A 29 -10.21 7.03 0.01
CA GLY A 29 -10.91 6.13 -0.90
C GLY A 29 -9.97 5.65 -1.99
N TRP A 30 -10.18 4.39 -2.42
CA TRP A 30 -9.16 3.65 -3.17
C TRP A 30 -9.80 2.78 -4.25
N LEU A 31 -9.13 2.69 -5.41
CA LEU A 31 -9.39 1.64 -6.39
C LEU A 31 -8.23 0.67 -6.31
N ASP A 32 -8.47 -0.51 -5.74
CA ASP A 32 -7.39 -1.41 -5.36
C ASP A 32 -6.39 -0.64 -4.50
N ASP A 33 -5.16 -0.48 -5.01
N ASP A 33 -5.15 -0.46 -4.95
CA ASP A 33 -4.07 0.21 -4.32
CA ASP A 33 -4.19 0.29 -4.15
C ASP A 33 -3.95 1.69 -4.68
C ASP A 33 -3.90 1.68 -4.73
N LEU A 34 -4.76 2.18 -5.60
CA LEU A 34 -4.62 3.53 -6.17
C LEU A 34 -5.54 4.49 -5.43
N GLN A 35 -4.99 5.55 -4.85
CA GLN A 35 -5.84 6.44 -4.07
C GLN A 35 -6.59 7.40 -5.01
N ILE A 36 -7.91 7.51 -4.82
CA ILE A 36 -8.71 8.46 -5.60
C ILE A 36 -9.44 9.48 -4.74
N HIS A 37 -9.57 9.25 -3.44
CA HIS A 37 -10.16 10.22 -2.55
C HIS A 37 -9.32 10.41 -1.30
N GLY A 38 -9.20 11.65 -0.87
CA GLY A 38 -8.65 11.95 0.44
C GLY A 38 -9.74 12.48 1.34
N TRP A 39 -9.53 12.48 2.65
CA TRP A 39 -10.45 13.11 3.58
C TRP A 39 -9.72 14.26 4.27
N ASP A 40 -10.32 15.46 4.22
CA ASP A 40 -9.69 16.64 4.78
C ASP A 40 -10.32 16.92 6.13
N SER A 41 -9.57 16.65 7.21
N SER A 41 -9.56 16.65 7.21
CA SER A 41 -10.07 16.90 8.55
CA SER A 41 -10.08 16.91 8.55
C SER A 41 -10.26 18.40 8.83
C SER A 41 -10.25 18.40 8.84
N ASP A 42 -9.54 19.28 8.12
CA ASP A 42 -9.74 20.72 8.30
C ASP A 42 -11.17 21.15 7.96
N SER A 43 -11.80 20.48 7.00
CA SER A 43 -13.06 20.94 6.47
C SER A 43 -14.18 19.95 6.64
N GLY A 44 -13.88 18.71 6.99
CA GLY A 44 -14.89 17.67 6.98
C GLY A 44 -15.47 17.40 5.62
N THR A 45 -14.66 17.53 4.58
CA THR A 45 -15.08 17.17 3.23
C THR A 45 -13.98 16.36 2.58
N ALA A 46 -14.29 15.82 1.42
CA ALA A 46 -13.37 14.96 0.72
C ALA A 46 -12.49 15.75 -0.23
N ILE A 47 -11.36 15.15 -0.60
N ILE A 47 -11.37 15.14 -0.62
CA ILE A 47 -10.46 15.66 -1.62
CA ILE A 47 -10.45 15.66 -1.62
C ILE A 47 -10.54 14.70 -2.80
C ILE A 47 -10.49 14.71 -2.81
N PHE A 48 -10.89 15.22 -3.97
CA PHE A 48 -11.04 14.40 -5.17
C PHE A 48 -9.73 14.46 -5.95
N LEU A 49 -9.00 13.34 -5.93
CA LEU A 49 -7.63 13.35 -6.42
C LEU A 49 -7.54 13.22 -7.93
N LYS A 50 -8.62 12.81 -8.59
CA LYS A 50 -8.63 12.71 -10.04
C LYS A 50 -9.85 13.44 -10.58
N PRO A 51 -9.78 13.96 -11.81
CA PRO A 51 -10.95 14.64 -12.38
C PRO A 51 -12.17 13.76 -12.49
N TRP A 52 -11.98 12.44 -12.47
CA TRP A 52 -13.06 11.48 -12.61
C TRP A 52 -13.42 10.80 -11.29
N SER A 53 -12.88 11.29 -10.16
CA SER A 53 -13.10 10.65 -8.87
C SER A 53 -14.56 10.57 -8.46
N LYS A 54 -15.46 11.39 -9.02
CA LYS A 54 -16.86 11.28 -8.62
C LYS A 54 -17.63 10.24 -9.45
N GLY A 55 -16.95 9.53 -10.35
CA GLY A 55 -17.63 8.56 -11.20
C GLY A 55 -18.74 9.22 -11.97
N ASN A 56 -19.89 8.56 -11.91
CA ASN A 56 -21.10 9.01 -12.59
C ASN A 56 -22.11 9.60 -11.59
N PHE A 57 -21.64 9.92 -10.38
CA PHE A 57 -22.48 10.53 -9.37
C PHE A 57 -22.58 12.04 -9.59
N SER A 58 -23.77 12.56 -9.40
CA SER A 58 -24.01 13.99 -9.47
C SER A 58 -23.31 14.69 -8.31
N ASP A 59 -23.07 16.00 -8.48
CA ASP A 59 -22.44 16.76 -7.40
C ASP A 59 -23.30 16.70 -6.14
N LYS A 60 -24.62 16.69 -6.31
CA LYS A 60 -25.52 16.67 -5.16
C LYS A 60 -25.41 15.36 -4.39
N GLU A 61 -25.38 14.22 -5.09
CA GLU A 61 -25.27 12.96 -4.36
C GLU A 61 -23.90 12.86 -3.68
N VAL A 62 -22.84 13.30 -4.36
CA VAL A 62 -21.52 13.30 -3.74
C VAL A 62 -21.54 14.13 -2.47
N ALA A 63 -22.17 15.29 -2.49
CA ALA A 63 -22.19 16.12 -1.30
C ALA A 63 -22.97 15.45 -0.17
N GLU A 64 -24.06 14.73 -0.49
CA GLU A 64 -24.80 14.01 0.54
C GLU A 64 -23.94 12.93 1.18
N LEU A 65 -23.15 12.22 0.37
CA LEU A 65 -22.27 11.19 0.91
C LEU A 65 -21.16 11.79 1.75
N GLU A 66 -20.57 12.91 1.32
CA GLU A 66 -19.57 13.57 2.15
C GLU A 66 -20.15 13.91 3.51
N GLU A 67 -21.38 14.43 3.54
CA GLU A 67 -22.00 14.79 4.81
C GLU A 67 -22.26 13.55 5.67
N ILE A 68 -22.70 12.45 5.04
CA ILE A 68 -22.82 11.19 5.78
C ILE A 68 -21.50 10.83 6.45
N PHE A 69 -20.40 10.88 5.70
CA PHE A 69 -19.11 10.52 6.28
C PHE A 69 -18.70 11.51 7.35
N ARG A 70 -18.97 12.80 7.15
CA ARG A 70 -18.60 13.79 8.16
C ARG A 70 -19.35 13.54 9.48
N VAL A 71 -20.65 13.28 9.38
CA VAL A 71 -21.43 13.01 10.58
C VAL A 71 -20.97 11.70 11.21
N TYR A 72 -20.73 10.68 10.39
CA TYR A 72 -20.27 9.39 10.91
C TYR A 72 -18.94 9.51 11.63
N ILE A 73 -17.97 10.22 11.05
CA ILE A 73 -16.64 10.33 11.66
C ILE A 73 -16.75 11.01 13.02
N PHE A 74 -17.51 12.10 13.10
CA PHE A 74 -17.67 12.78 14.38
C PHE A 74 -18.41 11.89 15.36
N GLY A 75 -19.49 11.25 14.91
CA GLY A 75 -20.31 10.49 15.83
C GLY A 75 -19.63 9.21 16.29
N PHE A 76 -18.77 8.66 15.42
CA PHE A 76 -18.02 7.46 15.77
C PHE A 76 -17.10 7.74 16.95
N ALA A 77 -16.36 8.84 16.89
CA ALA A 77 -15.49 9.22 18.01
C ALA A 77 -16.30 9.51 19.26
N ARG A 78 -17.41 10.25 19.11
CA ARG A 78 -18.25 10.57 20.26
C ARG A 78 -18.71 9.31 20.98
N GLU A 79 -19.19 8.32 20.22
CA GLU A 79 -19.76 7.14 20.85
C GLU A 79 -18.69 6.24 21.44
N VAL A 80 -17.56 6.06 20.73
CA VAL A 80 -16.49 5.23 21.27
C VAL A 80 -16.00 5.81 22.60
N GLN A 81 -15.88 7.12 22.68
CA GLN A 81 -15.42 7.75 23.89
C GLN A 81 -16.46 7.63 25.01
N ASP A 82 -17.73 7.69 24.66
CA ASP A 82 -18.79 7.54 25.67
C ASP A 82 -18.84 6.11 26.21
N PHE A 83 -18.63 5.11 25.36
CA PHE A 83 -18.75 3.71 25.76
C PHE A 83 -17.42 3.07 26.17
N ALA A 84 -16.30 3.77 26.05
CA ALA A 84 -15.00 3.15 26.28
C ALA A 84 -14.91 2.55 27.68
N GLY A 85 -15.49 3.21 28.67
CA GLY A 85 -15.46 2.66 30.03
C GLY A 85 -16.19 1.34 30.15
N ASP A 86 -17.40 1.26 29.59
CA ASP A 86 -18.18 0.02 29.67
C ASP A 86 -17.52 -1.13 28.92
N PHE A 87 -16.79 -0.82 27.85
CA PHE A 87 -16.08 -1.83 27.08
C PHE A 87 -14.66 -2.04 27.61
N GLN A 88 -14.36 -1.54 28.81
CA GLN A 88 -13.08 -1.74 29.48
C GLN A 88 -11.90 -1.47 28.56
N MET A 89 -11.95 -0.33 27.89
CA MET A 89 -10.91 0.07 26.96
C MET A 89 -9.79 0.76 27.70
N LYS A 90 -8.55 0.47 27.30
CA LYS A 90 -7.38 1.13 27.85
C LYS A 90 -6.74 1.96 26.75
N TYR A 91 -6.43 3.22 27.04
CA TYR A 91 -5.79 4.06 26.08
C TYR A 91 -4.25 3.96 26.12
N PRO A 92 -3.58 4.23 25.01
CA PRO A 92 -4.16 4.60 23.70
C PRO A 92 -4.65 3.37 22.95
N PHE A 93 -5.56 3.53 22.01
CA PHE A 93 -5.94 2.40 21.16
C PHE A 93 -6.34 2.94 19.78
N GLU A 94 -6.45 2.02 18.83
CA GLU A 94 -6.61 2.41 17.44
C GLU A 94 -7.56 1.46 16.75
N ILE A 95 -8.55 2.01 16.07
CA ILE A 95 -9.57 1.25 15.38
C ILE A 95 -9.41 1.48 13.88
N GLN A 96 -9.54 0.42 13.10
CA GLN A 96 -9.50 0.56 11.66
C GLN A 96 -10.76 -0.03 11.04
N GLY A 97 -11.13 0.49 9.88
CA GLY A 97 -12.27 -0.02 9.14
C GLY A 97 -12.01 0.04 7.66
N ILE A 98 -12.59 -0.90 6.94
CA ILE A 98 -12.56 -0.89 5.48
C ILE A 98 -13.91 -1.38 4.97
N ALA A 99 -14.43 -0.73 3.92
CA ALA A 99 -15.72 -1.11 3.38
C ALA A 99 -15.73 -0.76 1.89
N GLY A 100 -16.41 -1.58 1.10
CA GLY A 100 -16.43 -1.35 -0.34
C GLY A 100 -16.97 -2.55 -1.07
N CYS A 101 -16.59 -2.65 -2.35
CA CYS A 101 -17.16 -3.71 -3.17
C CYS A 101 -16.24 -3.97 -4.34
N GLU A 102 -16.42 -5.14 -4.97
CA GLU A 102 -15.48 -5.53 -5.99
C GLU A 102 -16.19 -6.35 -7.06
N LEU A 103 -15.70 -6.20 -8.28
CA LEU A 103 -16.28 -6.87 -9.45
C LEU A 103 -15.52 -8.16 -9.71
N HIS A 104 -16.24 -9.28 -9.78
CA HIS A 104 -15.69 -10.63 -9.94
C HIS A 104 -15.90 -11.16 -11.35
N SER A 105 -15.16 -12.23 -11.67
N SER A 105 -15.16 -12.23 -11.67
CA SER A 105 -15.39 -12.96 -12.89
CA SER A 105 -15.39 -12.94 -12.91
C SER A 105 -16.84 -13.45 -12.92
C SER A 105 -16.81 -13.47 -12.93
N GLY A 106 -17.49 -13.29 -14.07
CA GLY A 106 -18.90 -13.60 -14.18
C GLY A 106 -19.80 -12.40 -13.92
N GLY A 107 -19.24 -11.29 -13.47
CA GLY A 107 -19.94 -10.03 -13.40
C GLY A 107 -20.56 -9.71 -12.06
N ALA A 108 -20.59 -10.66 -11.11
CA ALA A 108 -21.14 -10.32 -9.80
C ALA A 108 -20.30 -9.29 -9.08
N ILE A 109 -20.97 -8.43 -8.32
CA ILE A 109 -20.31 -7.47 -7.44
C ILE A 109 -20.59 -7.88 -6.01
N VAL A 110 -19.53 -8.07 -5.23
CA VAL A 110 -19.65 -8.49 -3.84
C VAL A 110 -19.16 -7.36 -2.95
N SER A 111 -19.87 -7.10 -1.86
CA SER A 111 -19.53 -6.00 -0.97
C SER A 111 -18.93 -6.55 0.31
N PHE A 112 -18.23 -5.68 1.03
CA PHE A 112 -17.54 -6.12 2.25
C PHE A 112 -17.42 -4.96 3.21
N LEU A 113 -17.29 -5.30 4.50
CA LEU A 113 -17.04 -4.32 5.54
C LEU A 113 -16.32 -5.08 6.64
N ARG A 114 -15.15 -4.59 7.04
CA ARG A 114 -14.35 -5.24 8.08
C ARG A 114 -13.87 -4.18 9.05
N GLY A 115 -13.80 -4.56 10.32
CA GLY A 115 -13.34 -3.65 11.36
C GLY A 115 -12.27 -4.34 12.19
N ALA A 116 -11.37 -3.53 12.71
CA ALA A 116 -10.27 -4.00 13.54
C ALA A 116 -10.05 -3.14 14.77
N LEU A 117 -9.50 -3.76 15.80
CA LEU A 117 -9.13 -3.07 17.03
C LEU A 117 -7.79 -3.61 17.42
N GLY A 118 -6.82 -2.72 17.65
CA GLY A 118 -5.48 -3.15 18.01
C GLY A 118 -4.78 -3.99 16.94
N GLY A 119 -5.11 -3.73 15.67
CA GLY A 119 -4.53 -4.44 14.58
C GLY A 119 -5.01 -5.83 14.37
N LEU A 120 -6.07 -6.23 15.06
CA LEU A 120 -6.64 -7.56 14.94
C LEU A 120 -8.08 -7.45 14.50
N ASP A 121 -8.52 -8.44 13.72
CA ASP A 121 -9.90 -8.45 13.28
C ASP A 121 -10.85 -8.37 14.45
N PHE A 122 -11.90 -7.56 14.30
CA PHE A 122 -12.89 -7.35 15.34
C PHE A 122 -14.29 -7.69 14.87
N LEU A 123 -14.68 -7.26 13.67
CA LEU A 123 -15.99 -7.62 13.15
C LEU A 123 -15.96 -7.63 11.63
N SER A 124 -17.00 -8.19 11.05
CA SER A 124 -17.23 -8.04 9.62
C SER A 124 -18.73 -8.01 9.39
N VAL A 125 -19.13 -7.59 8.19
CA VAL A 125 -20.53 -7.61 7.79
C VAL A 125 -20.68 -8.72 6.77
N LYS A 126 -21.56 -9.66 7.07
CA LYS A 126 -21.89 -10.76 6.18
C LYS A 126 -23.40 -10.81 6.09
N ASN A 127 -23.93 -10.72 4.88
CA ASN A 127 -25.38 -10.87 4.68
C ASN A 127 -26.12 -9.75 5.41
N ALA A 128 -25.56 -8.55 5.38
CA ALA A 128 -26.11 -7.36 6.03
C ALA A 128 -26.24 -7.51 7.54
N SER A 129 -25.46 -8.39 8.17
N SER A 129 -25.46 -8.41 8.16
CA SER A 129 -25.49 -8.53 9.62
CA SER A 129 -25.46 -8.59 9.60
C SER A 129 -24.09 -8.41 10.20
C SER A 129 -24.07 -8.34 10.17
N CYS A 130 -24.03 -7.94 11.44
CA CYS A 130 -22.77 -7.76 12.16
C CYS A 130 -22.30 -9.11 12.67
N VAL A 131 -21.10 -9.53 12.26
CA VAL A 131 -20.53 -10.81 12.69
C VAL A 131 -19.29 -10.52 13.53
N PRO A 132 -19.30 -10.84 14.83
CA PRO A 132 -18.09 -10.62 15.63
C PRO A 132 -16.99 -11.59 15.24
N SER A 133 -15.74 -11.08 15.21
N SER A 133 -15.74 -11.08 15.20
CA SER A 133 -14.59 -11.93 14.90
CA SER A 133 -14.59 -11.94 14.92
C SER A 133 -14.06 -12.58 16.18
C SER A 133 -14.13 -12.61 16.21
N PRO A 134 -13.65 -13.86 16.14
CA PRO A 134 -13.11 -14.51 17.35
C PRO A 134 -11.98 -13.74 18.01
N GLU A 135 -11.11 -13.09 17.22
CA GLU A 135 -10.07 -12.26 17.81
C GLU A 135 -10.65 -11.13 18.66
N GLY A 136 -11.87 -10.69 18.33
CA GLY A 136 -12.48 -9.62 19.09
C GLY A 136 -13.08 -10.02 20.42
N GLY A 137 -13.19 -11.32 20.68
CA GLY A 137 -13.62 -11.79 21.99
C GLY A 137 -15.04 -11.36 22.37
N SER A 138 -15.31 -11.30 23.67
CA SER A 138 -16.61 -10.87 24.13
C SER A 138 -16.88 -9.41 23.83
N ARG A 139 -15.85 -8.63 23.71
CA ARG A 139 -16.01 -7.25 23.39
C ARG A 139 -16.71 -7.08 22.03
N ALA A 140 -16.29 -7.86 21.04
CA ALA A 140 -16.92 -7.78 19.75
C ALA A 140 -18.36 -8.28 19.80
N GLN A 141 -18.63 -9.31 20.56
CA GLN A 141 -20.01 -9.76 20.70
C GLN A 141 -20.86 -8.65 21.31
N LYS A 142 -20.35 -8.03 22.37
CA LYS A 142 -21.01 -6.89 23.00
C LYS A 142 -21.25 -5.76 22.01
N PHE A 143 -20.24 -5.43 21.19
CA PHE A 143 -20.36 -4.35 20.22
C PHE A 143 -21.46 -4.63 19.19
N CYS A 144 -21.43 -5.82 18.59
CA CYS A 144 -22.42 -6.14 17.57
C CYS A 144 -23.83 -6.06 18.12
N ALA A 145 -24.05 -6.57 19.34
CA ALA A 145 -25.39 -6.53 19.90
C ALA A 145 -25.85 -5.10 20.15
N LEU A 146 -24.92 -4.21 20.46
CA LEU A 146 -25.26 -2.82 20.73
C LEU A 146 -25.55 -2.06 19.44
N ILE A 147 -24.66 -2.18 18.43
CA ILE A 147 -24.79 -1.35 17.23
C ILE A 147 -26.01 -1.72 16.39
N ILE A 148 -26.42 -3.00 16.38
CA ILE A 148 -27.55 -3.34 15.53
C ILE A 148 -28.87 -2.77 16.04
N GLN A 149 -28.84 -2.23 17.23
CA GLN A 149 -30.01 -1.60 17.80
C GLN A 149 -30.15 -0.19 17.31
N TYR A 150 -29.11 0.32 16.65
CA TYR A 150 -29.11 1.63 16.04
C TYR A 150 -29.79 1.68 14.70
N GLN A 151 -31.05 2.08 14.79
CA GLN A 151 -31.93 2.24 13.74
C GLN A 151 -31.25 3.24 12.84
N GLY A 152 -31.34 2.98 11.58
CA GLY A 152 -30.74 3.89 10.68
C GLY A 152 -29.35 3.46 10.39
N ILE A 153 -28.54 3.13 11.38
CA ILE A 153 -27.15 2.77 11.06
C ILE A 153 -27.13 1.46 10.28
N MET A 154 -27.87 0.47 10.77
CA MET A 154 -27.99 -0.80 10.07
C MET A 154 -28.50 -0.60 8.65
N GLU A 155 -29.56 0.21 8.50
CA GLU A 155 -30.16 0.46 7.20
C GLU A 155 -29.24 1.29 6.30
N THR A 156 -28.57 2.30 6.86
CA THR A 156 -27.67 3.12 6.06
C THR A 156 -26.46 2.30 5.59
N VAL A 157 -25.92 1.44 6.46
CA VAL A 157 -24.83 0.56 6.03
C VAL A 157 -25.30 -0.40 4.94
N ARG A 158 -26.51 -0.95 5.09
CA ARG A 158 -27.04 -1.86 4.06
C ARG A 158 -27.15 -1.16 2.71
N ILE A 159 -27.72 0.04 2.70
CA ILE A 159 -27.89 0.79 1.45
C ILE A 159 -26.53 1.11 0.84
N LEU A 160 -25.60 1.60 1.65
CA LEU A 160 -24.29 1.97 1.13
C LEU A 160 -23.57 0.76 0.55
N LEU A 161 -23.53 -0.36 1.29
CA LEU A 161 -22.77 -1.53 0.83
C LEU A 161 -23.40 -2.18 -0.40
N TYR A 162 -24.72 -2.38 -0.39
CA TYR A 162 -25.35 -3.27 -1.36
C TYR A 162 -26.06 -2.53 -2.48
N GLU A 163 -26.30 -1.24 -2.34
CA GLU A 163 -27.00 -0.49 -3.37
C GLU A 163 -26.21 0.70 -3.89
N THR A 164 -25.49 1.42 -3.03
CA THR A 164 -24.72 2.56 -3.49
C THR A 164 -23.38 2.14 -4.08
N CYS A 165 -22.64 1.29 -3.37
CA CYS A 165 -21.29 0.93 -3.81
C CYS A 165 -21.26 0.28 -5.19
N PRO A 166 -22.13 -0.69 -5.52
CA PRO A 166 -21.99 -1.35 -6.83
C PRO A 166 -22.16 -0.38 -7.99
N ARG A 167 -23.15 0.51 -7.93
CA ARG A 167 -23.28 1.49 -9.01
C ARG A 167 -22.16 2.52 -8.96
N TYR A 168 -21.67 2.87 -7.77
CA TYR A 168 -20.52 3.77 -7.75
C TYR A 168 -19.32 3.11 -8.41
N LEU A 169 -19.05 1.84 -8.06
CA LEU A 169 -17.90 1.14 -8.62
C LEU A 169 -17.94 1.12 -10.15
N LEU A 170 -19.07 0.68 -10.72
CA LEU A 170 -19.11 0.61 -12.18
C LEU A 170 -18.94 1.99 -12.80
N GLY A 171 -19.59 2.99 -12.22
CA GLY A 171 -19.49 4.33 -12.77
C GLY A 171 -18.07 4.86 -12.77
N VAL A 172 -17.32 4.59 -11.70
CA VAL A 172 -15.99 5.17 -11.58
C VAL A 172 -14.96 4.35 -12.37
N LEU A 173 -15.12 3.02 -12.45
CA LEU A 173 -14.27 2.25 -13.35
C LEU A 173 -14.44 2.72 -14.78
N ASN A 174 -15.67 3.06 -15.18
CA ASN A 174 -15.86 3.59 -16.53
C ASN A 174 -15.29 5.00 -16.63
N ALA A 175 -15.59 5.85 -15.64
CA ALA A 175 -15.19 7.26 -15.75
C ALA A 175 -13.68 7.40 -15.76
N GLY A 176 -12.95 6.52 -15.08
CA GLY A 176 -11.51 6.62 -15.01
C GLY A 176 -10.72 5.79 -15.98
N LYS A 177 -11.37 5.18 -16.98
CA LYS A 177 -10.69 4.15 -17.75
C LYS A 177 -9.46 4.67 -18.49
N ALA A 178 -9.39 5.97 -18.78
CA ALA A 178 -8.21 6.51 -19.47
C ALA A 178 -6.95 6.38 -18.63
N ASP A 179 -7.07 6.54 -17.30
CA ASP A 179 -5.95 6.30 -16.40
C ASP A 179 -5.89 4.86 -15.91
N LEU A 180 -7.04 4.25 -15.63
CA LEU A 180 -7.04 2.92 -15.02
C LEU A 180 -6.61 1.83 -15.99
N GLN A 181 -6.86 2.02 -17.29
CA GLN A 181 -6.49 1.01 -18.27
C GLN A 181 -5.33 1.47 -19.15
N ARG A 182 -4.60 2.51 -18.75
CA ARG A 182 -3.43 2.90 -19.52
C ARG A 182 -2.35 1.83 -19.40
N GLN A 183 -1.41 1.87 -20.33
CA GLN A 183 -0.29 0.92 -20.35
C GLN A 183 1.01 1.70 -20.27
N VAL A 184 1.82 1.41 -19.24
CA VAL A 184 3.11 2.09 -19.05
C VAL A 184 4.22 1.06 -19.07
N LYS A 185 5.24 1.27 -19.98
CA LYS A 185 6.30 0.28 -20.17
C LYS A 185 7.32 0.32 -19.03
N PRO A 186 7.77 -0.83 -18.55
CA PRO A 186 8.86 -0.85 -17.56
C PRO A 186 10.22 -0.59 -18.20
N GLU A 187 11.15 -0.16 -17.36
CA GLU A 187 12.57 -0.29 -17.69
C GLU A 187 13.19 -1.29 -16.74
N ALA A 188 14.31 -1.87 -17.16
CA ALA A 188 14.90 -2.93 -16.35
C ALA A 188 16.40 -2.75 -16.33
N TRP A 189 17.04 -3.20 -15.25
CA TRP A 189 18.50 -3.16 -15.14
C TRP A 189 18.98 -4.20 -14.15
N LEU A 190 20.27 -4.49 -14.23
CA LEU A 190 20.90 -5.53 -13.42
C LEU A 190 21.85 -4.91 -12.41
N SER A 191 21.95 -5.54 -11.25
CA SER A 191 22.96 -5.14 -10.27
C SER A 191 23.37 -6.35 -9.45
N SER A 192 24.39 -6.14 -8.63
N SER A 192 24.39 -6.13 -8.64
CA SER A 192 24.74 -7.12 -7.63
CA SER A 192 24.74 -7.09 -7.61
C SER A 192 23.81 -7.00 -6.42
C SER A 192 23.73 -7.03 -6.47
N GLY A 193 23.68 -8.11 -5.69
CA GLY A 193 22.91 -8.13 -4.48
C GLY A 193 23.88 -8.39 -3.34
N PRO A 194 23.39 -8.35 -2.10
CA PRO A 194 24.24 -8.73 -0.97
C PRO A 194 24.71 -10.17 -1.13
N SER A 195 26.01 -10.38 -0.94
CA SER A 195 26.56 -11.73 -1.07
C SER A 195 25.87 -12.67 -0.09
N PRO A 196 25.32 -13.79 -0.56
CA PRO A 196 24.66 -14.72 0.37
C PRO A 196 25.62 -15.39 1.33
N GLY A 197 26.91 -15.46 1.00
CA GLY A 197 27.90 -16.10 1.83
C GLY A 197 29.12 -16.45 1.02
N PRO A 198 30.08 -17.18 1.63
CA PRO A 198 31.35 -17.50 0.93
C PRO A 198 31.19 -18.17 -0.43
N GLY A 199 31.77 -17.55 -1.46
CA GLY A 199 31.80 -18.14 -2.78
C GLY A 199 30.48 -18.06 -3.53
N ARG A 200 29.53 -17.29 -3.05
N ARG A 200 29.52 -17.30 -3.04
CA ARG A 200 28.22 -17.16 -3.69
CA ARG A 200 28.24 -17.17 -3.70
C ARG A 200 27.94 -15.70 -3.99
C ARG A 200 27.95 -15.71 -4.01
N LEU A 201 27.11 -15.48 -5.02
CA LEU A 201 26.70 -14.16 -5.44
C LEU A 201 25.20 -14.10 -5.47
N GLN A 202 24.66 -12.89 -5.27
CA GLN A 202 23.28 -12.62 -5.61
C GLN A 202 23.23 -11.65 -6.79
N LEU A 203 22.49 -12.02 -7.81
N LEU A 203 22.45 -12.00 -7.79
CA LEU A 203 22.23 -11.13 -8.93
CA LEU A 203 22.21 -11.14 -8.95
C LEU A 203 20.81 -10.57 -8.78
C LEU A 203 20.80 -10.59 -8.86
N VAL A 204 20.64 -9.31 -9.15
CA VAL A 204 19.36 -8.62 -8.99
C VAL A 204 18.91 -8.09 -10.33
N CYS A 205 17.69 -8.44 -10.73
CA CYS A 205 17.04 -7.86 -11.90
C CYS A 205 15.99 -6.88 -11.41
N HIS A 206 16.18 -5.59 -11.70
CA HIS A 206 15.26 -4.55 -11.28
C HIS A 206 14.30 -4.24 -12.43
N VAL A 207 13.01 -4.13 -12.11
CA VAL A 207 12.00 -3.77 -13.11
C VAL A 207 11.17 -2.63 -12.51
N SER A 208 11.14 -1.49 -13.19
CA SER A 208 10.56 -0.30 -12.58
C SER A 208 9.73 0.50 -13.57
N GLY A 209 8.66 1.10 -13.05
CA GLY A 209 7.85 2.04 -13.81
C GLY A 209 6.75 1.42 -14.64
N PHE A 210 6.34 0.19 -14.36
CA PHE A 210 5.31 -0.45 -15.17
C PHE A 210 3.94 -0.20 -14.58
N TYR A 211 2.92 -0.20 -15.45
CA TYR A 211 1.52 -0.16 -15.05
C TYR A 211 0.74 -0.81 -16.21
N PRO A 212 -0.23 -1.68 -15.91
CA PRO A 212 -0.76 -2.14 -14.61
C PRO A 212 0.20 -3.08 -13.89
N LYS A 213 -0.24 -3.61 -12.77
CA LYS A 213 0.65 -4.33 -11.87
C LYS A 213 1.10 -5.72 -12.35
N PRO A 214 0.28 -6.52 -13.05
CA PRO A 214 0.77 -7.84 -13.45
C PRO A 214 2.03 -7.73 -14.30
N VAL A 215 3.02 -8.56 -14.00
CA VAL A 215 4.32 -8.50 -14.67
C VAL A 215 4.98 -9.87 -14.50
N TRP A 216 5.86 -10.22 -15.43
CA TRP A 216 6.57 -11.49 -15.42
C TRP A 216 8.07 -11.22 -15.53
N VAL A 217 8.84 -11.75 -14.58
CA VAL A 217 10.29 -11.53 -14.53
CA VAL A 217 10.28 -11.55 -14.59
C VAL A 217 10.95 -12.85 -14.18
N MET A 218 11.98 -13.25 -14.95
CA MET A 218 12.61 -14.52 -14.64
C MET A 218 14.09 -14.46 -14.99
N TRP A 219 14.93 -15.06 -14.13
CA TRP A 219 16.30 -15.35 -14.51
C TRP A 219 16.34 -16.58 -15.41
N MET A 220 17.19 -16.53 -16.43
CA MET A 220 17.25 -17.52 -17.51
C MET A 220 18.68 -17.92 -17.79
N ARG A 221 18.86 -19.17 -18.24
CA ARG A 221 20.07 -19.59 -18.95
C ARG A 221 19.63 -20.01 -20.33
N GLY A 222 19.88 -19.17 -21.32
CA GLY A 222 19.27 -19.39 -22.61
C GLY A 222 17.77 -19.42 -22.46
N GLU A 223 17.15 -20.50 -22.93
CA GLU A 223 15.70 -20.64 -22.85
C GLU A 223 15.25 -21.35 -21.58
N GLN A 224 16.17 -21.70 -20.67
CA GLN A 224 15.82 -22.43 -19.45
C GLN A 224 15.56 -21.45 -18.32
N GLU A 225 14.32 -21.41 -17.84
CA GLU A 225 13.96 -20.58 -16.70
C GLU A 225 14.61 -21.13 -15.43
N GLN A 226 15.22 -20.26 -14.63
CA GLN A 226 15.89 -20.68 -13.40
C GLN A 226 14.86 -20.69 -12.28
N GLN A 227 14.53 -21.88 -11.79
CA GLN A 227 13.58 -22.04 -10.71
C GLN A 227 13.99 -21.33 -9.45
N GLY A 228 15.27 -21.13 -9.25
CA GLY A 228 15.75 -20.43 -8.08
C GLY A 228 15.39 -18.95 -8.03
N THR A 229 14.89 -18.38 -9.13
CA THR A 229 14.50 -16.97 -9.15
C THR A 229 13.62 -16.65 -7.96
N GLN A 230 13.97 -15.61 -7.21
CA GLN A 230 13.22 -15.17 -6.03
C GLN A 230 12.55 -13.83 -6.36
N LEU A 231 11.22 -13.82 -6.41
CA LEU A 231 10.50 -12.58 -6.66
C LEU A 231 10.37 -11.80 -5.37
N GLY A 232 10.78 -10.53 -5.40
CA GLY A 232 10.54 -9.65 -4.28
C GLY A 232 9.06 -9.27 -4.23
N ASP A 233 8.71 -8.54 -3.18
CA ASP A 233 7.36 -8.00 -3.10
C ASP A 233 7.27 -6.78 -4.02
N ILE A 234 6.11 -6.60 -4.66
CA ILE A 234 5.97 -5.46 -5.55
C ILE A 234 5.87 -4.18 -4.71
N LEU A 235 6.65 -3.17 -5.10
CA LEU A 235 6.77 -1.95 -4.33
C LEU A 235 6.25 -0.78 -5.14
N PRO A 236 5.72 0.25 -4.49
CA PRO A 236 5.16 1.38 -5.25
C PRO A 236 6.21 2.40 -5.64
N ASN A 237 5.98 3.00 -6.80
CA ASN A 237 6.55 4.30 -7.15
C ASN A 237 5.47 5.35 -7.00
N ALA A 238 5.89 6.60 -6.90
CA ALA A 238 4.91 7.67 -7.00
C ALA A 238 4.30 7.67 -8.41
N ASN A 239 3.11 8.24 -8.52
CA ASN A 239 2.46 8.42 -9.83
C ASN A 239 2.02 7.09 -10.46
N TRP A 240 1.61 6.14 -9.63
CA TRP A 240 0.85 4.96 -10.07
C TRP A 240 1.68 4.03 -10.96
N THR A 241 2.93 3.77 -10.60
CA THR A 241 3.64 2.65 -11.21
C THR A 241 4.32 1.82 -10.12
N TRP A 242 4.93 0.72 -10.55
CA TRP A 242 5.39 -0.30 -9.62
C TRP A 242 6.86 -0.64 -9.89
N TYR A 243 7.46 -1.27 -8.89
CA TYR A 243 8.87 -1.62 -8.87
C TYR A 243 9.00 -3.03 -8.32
N LEU A 244 9.91 -3.80 -8.88
CA LEU A 244 10.03 -5.20 -8.51
C LEU A 244 11.47 -5.65 -8.69
N ARG A 245 11.99 -6.39 -7.72
CA ARG A 245 13.30 -7.02 -7.79
C ARG A 245 13.11 -8.53 -7.92
N ALA A 246 13.84 -9.14 -8.86
CA ALA A 246 13.94 -10.59 -8.95
C ALA A 246 15.40 -10.99 -8.74
N THR A 247 15.66 -11.81 -7.73
CA THR A 247 17.02 -12.18 -7.38
C THR A 247 17.33 -13.65 -7.71
N LEU A 248 18.62 -13.94 -7.85
CA LEU A 248 19.09 -15.32 -7.99
C LEU A 248 20.41 -15.48 -7.24
N ASP A 249 20.47 -16.44 -6.31
CA ASP A 249 21.73 -16.77 -5.62
C ASP A 249 22.45 -17.85 -6.40
N VAL A 250 23.72 -17.62 -6.70
N VAL A 250 23.70 -17.59 -6.77
CA VAL A 250 24.49 -18.49 -7.59
CA VAL A 250 24.50 -18.53 -7.54
C VAL A 250 25.94 -18.58 -7.11
C VAL A 250 25.89 -18.65 -6.93
N ALA A 251 26.54 -19.77 -7.25
CA ALA A 251 27.96 -19.92 -6.99
C ALA A 251 28.77 -18.96 -7.86
N ASP A 252 29.89 -18.46 -7.31
CA ASP A 252 30.75 -17.51 -8.01
C ASP A 252 30.96 -17.85 -9.48
N GLY A 253 31.41 -19.07 -9.75
CA GLY A 253 31.77 -19.47 -11.09
C GLY A 253 30.61 -19.81 -11.99
N GLU A 254 29.38 -19.70 -11.50
CA GLU A 254 28.21 -20.06 -12.27
C GLU A 254 27.37 -18.86 -12.65
N ALA A 255 27.89 -17.65 -12.50
CA ALA A 255 27.11 -16.48 -12.87
C ALA A 255 27.10 -16.23 -14.38
N ALA A 256 28.17 -16.62 -15.06
CA ALA A 256 28.25 -16.39 -16.50
C ALA A 256 27.18 -17.20 -17.21
N GLY A 257 26.58 -16.61 -18.25
CA GLY A 257 25.51 -17.26 -18.98
C GLY A 257 24.12 -16.88 -18.56
N LEU A 258 23.97 -16.14 -17.46
CA LEU A 258 22.65 -15.78 -16.96
C LEU A 258 22.10 -14.54 -17.66
N SER A 259 20.78 -14.49 -17.81
CA SER A 259 20.09 -13.34 -18.37
C SER A 259 18.79 -13.16 -17.60
N CYS A 260 18.22 -11.96 -17.68
CA CYS A 260 16.93 -11.67 -17.07
C CYS A 260 15.93 -11.29 -18.16
N ARG A 261 14.76 -11.93 -18.18
CA ARG A 261 13.75 -11.66 -19.18
C ARG A 261 12.52 -11.07 -18.51
N VAL A 262 11.99 -9.98 -19.07
CA VAL A 262 10.83 -9.27 -18.53
C VAL A 262 9.71 -9.28 -19.56
N LYS A 263 8.53 -9.69 -19.14
CA LYS A 263 7.33 -9.61 -19.98
C LYS A 263 6.33 -8.71 -19.31
N HIS A 264 5.63 -7.88 -20.09
CA HIS A 264 4.62 -7.01 -19.52
C HIS A 264 3.61 -6.67 -20.61
N SER A 265 2.37 -6.45 -20.18
CA SER A 265 1.26 -6.17 -21.10
C SER A 265 1.56 -4.99 -22.02
N SER A 266 2.34 -4.00 -21.55
CA SER A 266 2.60 -2.80 -22.33
C SER A 266 3.57 -3.03 -23.47
N LEU A 267 4.29 -4.13 -23.46
CA LEU A 267 5.41 -4.37 -24.37
C LEU A 267 4.98 -5.02 -25.67
N GLU A 268 3.69 -5.36 -25.81
CA GLU A 268 3.13 -5.90 -27.04
C GLU A 268 3.98 -7.06 -27.57
N GLY A 269 4.38 -7.94 -26.66
CA GLY A 269 5.09 -9.14 -27.02
C GLY A 269 6.58 -9.02 -27.22
N GLN A 270 7.15 -7.82 -27.03
CA GLN A 270 8.59 -7.61 -27.20
C GLN A 270 9.25 -7.55 -25.82
N ASP A 271 9.64 -8.73 -25.33
CA ASP A 271 10.22 -8.83 -24.00
C ASP A 271 11.52 -8.03 -23.90
N ILE A 272 11.86 -7.66 -22.68
CA ILE A 272 13.15 -7.09 -22.37
C ILE A 272 14.08 -8.23 -21.98
N ILE A 273 15.29 -8.26 -22.54
CA ILE A 273 16.30 -9.26 -22.16
C ILE A 273 17.57 -8.52 -21.75
N LEU A 274 18.04 -8.80 -20.54
CA LEU A 274 19.29 -8.25 -20.02
C LEU A 274 20.26 -9.40 -19.76
N TYR A 275 21.54 -9.17 -20.05
CA TYR A 275 22.57 -10.22 -19.95
C TYR A 275 23.57 -9.85 -18.87
N TRP A 276 23.77 -10.76 -17.91
CA TRP A 276 24.78 -10.54 -16.88
C TRP A 276 26.15 -10.84 -17.47
N ARG A 277 27.09 -9.92 -17.28
CA ARG A 277 28.48 -10.18 -17.64
C ARG A 277 29.34 -10.09 -16.38
N GLY A 278 30.25 -11.04 -16.21
CA GLY A 278 31.09 -11.10 -15.04
C GLY A 278 32.33 -10.23 -15.14
N SER A 279 33.18 -10.35 -14.11
CA SER A 279 34.48 -9.67 -14.06
C SER A 279 34.34 -8.14 -14.10
N GLY A 280 33.22 -7.63 -13.60
CA GLY A 280 33.03 -6.19 -13.57
C GLY A 280 32.71 -5.56 -14.91
N LEU A 281 32.27 -6.33 -15.89
CA LEU A 281 31.90 -5.81 -17.21
C LEU A 281 30.41 -5.56 -17.34
N ASN A 282 29.69 -5.33 -16.23
CA ASN A 282 28.24 -5.39 -16.28
C ASN A 282 27.56 -4.07 -16.64
N ASP A 283 28.30 -2.97 -16.76
CA ASP A 283 27.66 -1.70 -17.15
C ASP A 283 28.67 -0.85 -17.90
N ILE A 284 28.50 -0.73 -19.22
CA ILE A 284 29.40 0.10 -20.02
C ILE A 284 29.28 1.57 -19.61
N PRO B 1 -5.37 -5.99 20.89
CA PRO B 1 -5.06 -4.58 21.01
C PRO B 1 -3.71 -4.27 21.50
N LYS B 2 -2.95 -5.31 21.71
CA LYS B 2 -1.75 -5.07 22.42
C LYS B 2 -0.43 -5.29 21.78
N ILE B 3 -0.30 -6.28 20.90
CA ILE B 3 0.99 -6.42 20.26
C ILE B 3 1.17 -5.38 19.13
N GLN B 4 2.31 -4.74 19.16
CA GLN B 4 2.69 -3.82 18.15
C GLN B 4 3.61 -4.53 17.18
N ARG B 5 3.75 -3.95 16.00
CA ARG B 5 4.54 -4.53 14.94
C ARG B 5 5.49 -3.49 14.47
N THR B 6 6.75 -3.84 14.35
CA THR B 6 7.75 -2.89 13.98
C THR B 6 7.85 -2.66 12.45
N PRO B 7 8.23 -1.47 12.04
CA PRO B 7 8.22 -1.20 10.59
C PRO B 7 9.31 -1.96 9.83
N LYS B 8 8.92 -2.48 8.67
CA LYS B 8 9.86 -2.88 7.64
C LYS B 8 10.20 -1.65 6.80
N ILE B 9 11.44 -1.56 6.35
CA ILE B 9 11.93 -0.35 5.68
C ILE B 9 12.69 -0.77 4.44
N GLN B 10 12.24 -0.30 3.27
CA GLN B 10 12.87 -0.62 2.01
C GLN B 10 13.14 0.66 1.23
N VAL B 11 14.40 0.81 0.78
CA VAL B 11 14.90 2.02 0.13
C VAL B 11 15.39 1.66 -1.27
N TYR B 12 14.93 2.41 -2.26
CA TYR B 12 15.17 2.06 -3.65
C TYR B 12 15.04 3.31 -4.51
N SER B 13 15.68 3.28 -5.67
CA SER B 13 15.64 4.37 -6.64
C SER B 13 14.63 4.07 -7.73
N ARG B 14 13.95 5.13 -8.18
CA ARG B 14 12.96 4.99 -9.25
C ARG B 14 13.59 4.49 -10.55
N HIS B 15 14.79 4.98 -10.85
CA HIS B 15 15.52 4.68 -12.07
C HIS B 15 16.89 4.14 -11.68
N PRO B 16 17.57 3.42 -12.58
CA PRO B 16 18.93 2.98 -12.26
C PRO B 16 19.79 4.19 -11.91
N ALA B 17 20.66 4.02 -10.92
CA ALA B 17 21.51 5.09 -10.46
C ALA B 17 22.56 5.43 -11.53
N GLU B 18 22.55 6.68 -11.98
CA GLU B 18 23.61 7.19 -12.84
C GLU B 18 24.11 8.47 -12.20
N ASN B 19 25.40 8.50 -11.86
CA ASN B 19 25.94 9.64 -11.14
C ASN B 19 25.71 10.92 -11.94
N GLY B 20 25.25 11.97 -11.25
CA GLY B 20 24.99 13.24 -11.88
C GLY B 20 23.66 13.35 -12.58
N LYS B 21 22.90 12.27 -12.70
CA LYS B 21 21.59 12.30 -13.37
C LYS B 21 20.48 12.29 -12.33
N SER B 22 19.50 13.16 -12.52
CA SER B 22 18.42 13.30 -11.57
C SER B 22 17.58 12.03 -11.53
N ASN B 23 17.04 11.74 -10.35
CA ASN B 23 16.40 10.46 -10.05
C ASN B 23 15.38 10.70 -8.94
N PHE B 24 14.77 9.62 -8.44
CA PHE B 24 13.85 9.71 -7.32
C PHE B 24 14.23 8.65 -6.30
N LEU B 25 14.27 9.05 -5.02
CA LEU B 25 14.61 8.15 -3.92
C LEU B 25 13.33 7.77 -3.20
N ASN B 26 13.06 6.46 -3.09
CA ASN B 26 11.85 5.96 -2.43
C ASN B 26 12.19 5.27 -1.12
N CYS B 27 11.36 5.51 -0.09
CA CYS B 27 11.40 4.74 1.15
C CYS B 27 10.01 4.22 1.44
N TYR B 28 9.85 2.92 1.40
CA TYR B 28 8.59 2.26 1.64
C TYR B 28 8.66 1.66 3.04
N VAL B 29 7.74 2.08 3.90
CA VAL B 29 7.71 1.66 5.30
C VAL B 29 6.40 0.91 5.50
N SER B 30 6.46 -0.31 6.00
CA SER B 30 5.29 -1.18 5.96
C SER B 30 5.31 -2.12 7.15
N GLY B 31 4.20 -2.85 7.31
CA GLY B 31 4.09 -3.88 8.32
C GLY B 31 4.00 -3.40 9.76
N PHE B 32 3.73 -2.12 10.00
CA PHE B 32 3.82 -1.57 11.34
C PHE B 32 2.44 -1.29 11.94
N HIS B 33 2.40 -1.26 13.27
CA HIS B 33 1.19 -0.98 14.04
C HIS B 33 1.64 -0.58 15.43
N PRO B 34 1.10 0.52 15.98
CA PRO B 34 0.06 1.42 15.44
C PRO B 34 0.57 2.40 14.39
N SER B 35 -0.31 3.32 13.96
CA SER B 35 -0.04 4.06 12.73
C SER B 35 0.93 5.22 12.91
N ASP B 36 1.02 5.79 14.12
CA ASP B 36 1.87 6.96 14.30
C ASP B 36 3.31 6.58 14.01
N ILE B 37 3.96 7.37 13.16
CA ILE B 37 5.31 7.05 12.71
C ILE B 37 5.94 8.33 12.18
N GLU B 38 7.26 8.40 12.28
CA GLU B 38 8.05 9.50 11.76
C GLU B 38 9.08 8.96 10.78
N VAL B 39 9.10 9.52 9.58
CA VAL B 39 9.95 9.03 8.50
C VAL B 39 10.67 10.23 7.89
N ASP B 40 11.99 10.13 7.81
CA ASP B 40 12.79 11.16 7.14
C ASP B 40 13.68 10.50 6.09
N LEU B 41 13.97 11.25 5.04
CA LEU B 41 14.99 10.86 4.10
C LEU B 41 16.23 11.68 4.39
N LEU B 42 17.39 11.02 4.42
CA LEU B 42 18.64 11.64 4.80
C LEU B 42 19.57 11.71 3.59
N LYS B 43 20.36 12.78 3.52
CA LYS B 43 21.49 12.83 2.61
C LYS B 43 22.71 13.13 3.47
N ASN B 44 23.69 12.27 3.42
CA ASN B 44 24.88 12.39 4.26
C ASN B 44 24.54 12.64 5.70
N GLY B 45 23.58 11.89 6.24
CA GLY B 45 23.16 12.00 7.61
C GLY B 45 22.26 13.18 7.94
N GLU B 46 22.06 14.10 7.01
CA GLU B 46 21.23 15.27 7.24
C GLU B 46 19.85 15.08 6.64
N ARG B 47 18.82 15.59 7.33
CA ARG B 47 17.44 15.46 6.88
C ARG B 47 17.19 16.27 5.62
N ILE B 48 16.52 15.66 4.63
CA ILE B 48 16.15 16.35 3.40
C ILE B 48 14.87 17.13 3.61
N GLU B 49 14.82 18.35 3.08
CA GLU B 49 13.79 19.32 3.44
C GLU B 49 12.45 19.02 2.79
N LYS B 50 12.44 18.85 1.47
CA LYS B 50 11.20 18.69 0.72
C LYS B 50 11.06 17.21 0.35
N VAL B 51 10.26 16.49 1.11
CA VAL B 51 9.95 15.08 0.86
C VAL B 51 8.43 14.95 0.76
N GLU B 52 7.97 14.13 -0.16
CA GLU B 52 6.56 13.86 -0.31
C GLU B 52 6.24 12.50 0.29
N HIS B 53 4.99 12.32 0.70
CA HIS B 53 4.58 11.02 1.23
C HIS B 53 3.10 10.76 0.95
N SER B 54 2.78 9.47 0.88
CA SER B 54 1.41 9.03 0.62
C SER B 54 0.54 9.24 1.85
N ASP B 55 -0.77 9.32 1.62
CA ASP B 55 -1.70 9.24 2.74
C ASP B 55 -1.69 7.84 3.34
N LEU B 56 -2.11 7.76 4.61
CA LEU B 56 -2.07 6.50 5.32
C LEU B 56 -2.91 5.42 4.64
N SER B 57 -2.36 4.21 4.55
CA SER B 57 -3.11 3.05 4.10
C SER B 57 -2.70 1.85 4.94
N PHE B 58 -3.39 0.72 4.73
CA PHE B 58 -3.00 -0.49 5.44
C PHE B 58 -3.33 -1.72 4.60
N SER B 59 -2.64 -2.81 4.91
N SER B 59 -2.64 -2.81 4.91
CA SER B 59 -2.79 -4.07 4.21
CA SER B 59 -2.81 -4.06 4.19
C SER B 59 -3.98 -4.85 4.76
C SER B 59 -3.94 -4.88 4.81
N LYS B 60 -4.23 -6.02 4.18
CA LYS B 60 -5.34 -6.83 4.63
C LYS B 60 -5.14 -7.38 6.04
N ASP B 61 -3.88 -7.51 6.49
CA ASP B 61 -3.61 -7.93 7.86
C ASP B 61 -3.61 -6.78 8.85
N TRP B 62 -4.07 -5.60 8.43
CA TRP B 62 -4.23 -4.37 9.20
C TRP B 62 -2.92 -3.62 9.47
N SER B 63 -1.78 -4.09 8.97
N SER B 63 -1.78 -4.08 8.95
CA SER B 63 -0.52 -3.35 9.13
CA SER B 63 -0.54 -3.35 9.14
C SER B 63 -0.49 -2.14 8.21
C SER B 63 -0.47 -2.15 8.20
N PHE B 64 0.02 -1.03 8.72
CA PHE B 64 0.06 0.22 7.96
C PHE B 64 1.26 0.26 7.02
N TYR B 65 1.13 1.08 5.97
CA TYR B 65 2.25 1.33 5.08
C TYR B 65 2.17 2.74 4.50
N LEU B 66 3.34 3.28 4.18
CA LEU B 66 3.51 4.63 3.65
C LEU B 66 4.66 4.61 2.67
N LEU B 67 4.58 5.47 1.65
CA LEU B 67 5.68 5.72 0.72
C LEU B 67 6.16 7.15 0.91
N TYR B 68 7.46 7.32 1.20
CA TYR B 68 8.11 8.62 1.22
C TYR B 68 9.06 8.70 0.02
N TYR B 69 9.10 9.87 -0.64
CA TYR B 69 9.94 9.96 -1.83
C TYR B 69 10.39 11.41 -2.06
N THR B 70 11.52 11.56 -2.73
CA THR B 70 11.98 12.88 -3.11
C THR B 70 12.91 12.76 -4.31
N GLU B 71 13.02 13.85 -5.06
CA GLU B 71 14.05 13.94 -6.10
C GLU B 71 15.42 13.88 -5.46
N PHE B 72 16.35 13.19 -6.11
CA PHE B 72 17.74 13.26 -5.72
C PHE B 72 18.63 13.00 -6.93
N THR B 73 19.87 13.44 -6.83
CA THR B 73 20.87 13.21 -7.88
C THR B 73 22.01 12.42 -7.27
N PRO B 74 22.09 11.12 -7.54
CA PRO B 74 23.17 10.31 -6.96
C PRO B 74 24.54 10.77 -7.43
N THR B 75 25.51 10.70 -6.54
CA THR B 75 26.90 10.91 -6.87
C THR B 75 27.71 9.73 -6.34
N GLU B 76 28.99 9.68 -6.72
CA GLU B 76 29.82 8.55 -6.31
C GLU B 76 30.02 8.50 -4.81
N LYS B 77 30.05 9.67 -4.14
CA LYS B 77 30.44 9.73 -2.74
C LYS B 77 29.32 10.05 -1.77
N ASP B 78 28.25 10.72 -2.22
CA ASP B 78 27.16 11.09 -1.31
C ASP B 78 26.38 9.85 -0.86
N GLU B 79 25.86 9.92 0.36
CA GLU B 79 25.08 8.83 0.93
C GLU B 79 23.65 9.26 1.19
N TYR B 80 22.72 8.31 1.06
CA TYR B 80 21.30 8.59 1.29
C TYR B 80 20.72 7.46 2.12
N ALA B 81 19.74 7.82 2.95
CA ALA B 81 19.16 6.85 3.87
C ALA B 81 17.72 7.21 4.15
N CYS B 82 17.02 6.26 4.76
CA CYS B 82 15.69 6.46 5.31
C CYS B 82 15.77 6.24 6.81
N ARG B 83 15.24 7.19 7.57
CA ARG B 83 15.28 7.16 9.03
C ARG B 83 13.85 7.12 9.58
N VAL B 84 13.57 6.11 10.43
CA VAL B 84 12.22 5.83 10.89
C VAL B 84 12.18 5.84 12.42
N ASN B 85 11.19 6.53 12.99
CA ASN B 85 10.88 6.44 14.41
C ASN B 85 9.48 5.88 14.59
N HIS B 86 9.31 5.00 15.57
CA HIS B 86 8.07 4.30 15.85
C HIS B 86 8.08 3.88 17.32
N VAL B 87 6.89 3.71 17.89
CA VAL B 87 6.81 3.32 19.31
C VAL B 87 7.45 1.96 19.58
N THR B 88 7.59 1.10 18.57
CA THR B 88 8.25 -0.18 18.75
C THR B 88 9.77 -0.08 18.76
N LEU B 89 10.33 1.11 18.49
CA LEU B 89 11.77 1.31 18.38
C LEU B 89 12.25 2.21 19.50
N SER B 90 13.32 1.80 20.18
CA SER B 90 13.88 2.67 21.21
C SER B 90 14.72 3.79 20.62
N GLN B 91 15.29 3.59 19.45
CA GLN B 91 16.08 4.58 18.73
C GLN B 91 15.60 4.60 17.29
N PRO B 92 15.88 5.68 16.55
CA PRO B 92 15.57 5.69 15.11
C PRO B 92 16.32 4.59 14.38
N LYS B 93 15.62 3.95 13.45
CA LYS B 93 16.21 2.94 12.57
C LYS B 93 16.57 3.61 11.26
N ILE B 94 17.81 3.41 10.80
CA ILE B 94 18.30 4.00 9.56
C ILE B 94 18.65 2.89 8.59
N VAL B 95 18.08 2.95 7.39
CA VAL B 95 18.38 2.01 6.32
C VAL B 95 18.97 2.81 5.17
N LYS B 96 20.19 2.46 4.76
CA LYS B 96 20.89 3.23 3.76
C LYS B 96 20.53 2.74 2.37
N TRP B 97 20.39 3.68 1.43
CA TRP B 97 20.25 3.34 0.02
C TRP B 97 21.56 2.75 -0.49
N ASP B 98 21.45 1.69 -1.27
CA ASP B 98 22.63 1.01 -1.81
C ASP B 98 22.28 0.51 -3.20
N ARG B 99 22.80 1.19 -4.23
CA ARG B 99 22.51 0.77 -5.60
C ARG B 99 23.00 -0.64 -5.91
N ASP B 100 23.94 -1.17 -5.13
CA ASP B 100 24.51 -2.50 -5.41
C ASP B 100 23.96 -3.58 -4.49
C1 NAG C . -23.97 4.90 -12.66
C2 NAG C . -25.43 5.25 -12.75
C3 NAG C . -26.30 4.05 -12.27
C4 NAG C . -25.92 2.80 -13.06
C5 NAG C . -24.39 2.61 -13.08
C6 NAG C . -23.94 1.52 -14.03
C7 NAG C . -25.65 6.55 -10.64
C8 NAG C . -26.04 7.88 -10.07
N2 NAG C . -25.72 6.45 -11.98
O3 NAG C . -27.71 4.25 -12.43
O4 NAG C . -26.51 1.65 -12.46
O5 NAG C . -23.71 3.80 -13.49
O6 NAG C . -24.35 1.90 -15.33
O7 NAG C . -25.32 5.61 -9.91
C1 NAG C . -27.21 0.80 -13.39
C2 NAG C . -27.66 -0.46 -12.66
C3 NAG C . -28.53 -1.33 -13.56
C4 NAG C . -29.69 -0.52 -14.13
C5 NAG C . -29.15 0.72 -14.82
C6 NAG C . -30.24 1.62 -15.33
C7 NAG C . -26.24 -1.35 -10.86
C8 NAG C . -25.03 -2.17 -10.52
N2 NAG C . -26.52 -1.22 -12.17
O3 NAG C . -29.02 -2.44 -12.83
O4 NAG C . -30.35 -1.31 -15.11
O5 NAG C . -28.36 1.50 -13.90
O6 NAG C . -29.69 2.59 -16.21
O7 NAG C . -26.93 -0.80 -10.00
C1 BMA C . -31.64 -1.75 -14.66
C2 BMA C . -32.53 -1.83 -15.90
C3 BMA C . -33.91 -2.31 -15.47
C4 BMA C . -33.82 -3.61 -14.74
C5 BMA C . -32.80 -3.54 -13.58
C6 BMA C . -32.51 -4.91 -13.01
O2 BMA C . -32.04 -2.80 -16.82
O3 BMA C . -34.74 -2.49 -16.62
O4 BMA C . -35.08 -3.93 -14.19
O5 BMA C . -31.54 -3.00 -14.04
O6 BMA C . -31.61 -4.73 -11.89
C1 MAN C . -35.59 -1.34 -16.85
C2 MAN C . -36.81 -1.84 -17.65
C3 MAN C . -36.37 -2.24 -19.07
C4 MAN C . -35.57 -1.14 -19.73
C5 MAN C . -34.39 -0.77 -18.84
C6 MAN C . -33.54 0.36 -19.42
O2 MAN C . -37.73 -0.77 -17.83
O3 MAN C . -37.48 -2.58 -19.92
O4 MAN C . -35.08 -1.60 -20.96
O5 MAN C . -34.91 -0.35 -17.56
O6 MAN C . -32.64 0.79 -18.41
C1 MAN C . -31.74 -5.87 -11.02
C2 MAN C . -30.94 -5.52 -9.76
C3 MAN C . -29.46 -5.52 -10.12
C4 MAN C . -29.02 -6.83 -10.82
C5 MAN C . -29.90 -7.07 -12.05
C6 MAN C . -29.60 -8.45 -12.68
O2 MAN C . -31.16 -6.54 -8.76
O3 MAN C . -28.63 -5.29 -8.95
O4 MAN C . -27.66 -6.72 -11.25
O5 MAN C . -31.26 -7.07 -11.64
O6 MAN C . -30.47 -8.66 -13.84
C1 FUC C . -28.40 4.70 -11.22
C2 FUC C . -29.70 5.37 -11.69
C3 FUC C . -30.58 4.32 -12.38
C4 FUC C . -30.86 3.14 -11.41
C5 FUC C . -29.50 2.60 -10.90
C6 FUC C . -29.61 1.53 -9.85
O2 FUC C . -29.42 6.45 -12.58
O3 FUC C . -31.81 4.92 -12.77
O4 FUC C . -31.67 3.55 -10.30
O5 FUC C . -28.72 3.67 -10.32
C1 FUC C . -24.05 0.92 -16.35
C2 FUC C . -24.62 1.55 -17.64
C3 FUC C . -23.77 2.72 -18.13
C4 FUC C . -22.29 2.34 -18.23
C5 FUC C . -21.85 1.79 -16.88
C6 FUC C . -20.41 1.29 -16.89
O2 FUC C . -25.99 1.96 -17.44
O3 FUC C . -24.21 3.11 -19.43
O4 FUC C . -22.13 1.31 -19.22
O5 FUC C . -22.66 0.69 -16.48
C1 NAG D . -4.98 13.64 25.91
C2 NAG D . -4.41 14.54 27.05
C3 NAG D . -4.36 15.93 26.54
C4 NAG D . -3.48 15.84 25.33
C5 NAG D . -4.06 14.90 24.26
C6 NAG D . -3.33 14.92 22.95
C7 NAG D . -4.95 13.75 29.29
C8 NAG D . -6.08 13.50 30.22
N2 NAG D . -5.17 14.57 28.26
O3 NAG D . -3.64 16.72 27.52
O4 NAG D . -3.39 17.18 24.84
O5 NAG D . -4.14 13.63 24.82
O6 NAG D . -2.07 14.26 22.94
O7 NAG D . -3.95 13.16 29.56
C1 FUC D . -4.33 17.91 27.96
C2 FUC D . -4.08 18.26 29.42
C3 FUC D . -3.04 19.35 29.64
C4 FUC D . -3.21 20.52 28.70
C5 FUC D . -3.39 20.02 27.28
C6 FUC D . -3.61 21.22 26.39
O2 FUC D . -3.65 17.12 30.16
O3 FUC D . -3.11 19.84 30.98
O4 FUC D . -4.30 21.37 29.11
O5 FUC D . -4.43 19.07 27.15
C1 NAG D . -2.02 17.47 24.78
C2 NAG D . -1.83 18.59 23.76
C3 NAG D . -0.37 18.79 23.67
C4 NAG D . 0.25 18.95 25.05
C5 NAG D . -0.12 17.87 26.03
C6 NAG D . 0.64 18.12 27.37
C7 NAG D . -3.24 19.07 21.85
C8 NAG D . -3.76 20.09 22.78
N2 NAG D . -2.40 18.26 22.46
O3 NAG D . -0.20 20.01 23.00
O4 NAG D . 1.58 18.66 24.84
O5 NAG D . -1.49 17.72 26.09
O6 NAG D . -0.09 18.32 28.59
O7 NAG D . -3.58 19.03 20.67
C1 FUC D . -1.40 14.75 21.77
C2 FUC D . 0.05 14.49 21.96
C3 FUC D . 0.21 13.01 22.14
C4 FUC D . -0.17 12.25 20.89
C5 FUC D . -1.53 12.75 20.42
C6 FUC D . -1.71 12.36 18.97
O2 FUC D . 0.51 15.09 23.14
O3 FUC D . 1.54 12.74 22.55
O4 FUC D . 0.77 12.45 19.85
O5 FUC D . -1.64 14.17 20.51
C1 NAG E . -29.31 -13.67 5.56
C2 NAG E . -29.53 -14.88 6.49
C3 NAG E . -31.01 -15.22 6.65
C4 NAG E . -31.84 -13.97 6.94
C5 NAG E . -31.56 -12.93 5.87
C6 NAG E . -32.34 -11.64 6.04
C7 NAG E . -28.07 -16.84 6.77
C8 NAG E . -27.38 -17.97 6.07
N2 NAG E . -28.79 -16.02 5.99
O3 NAG E . -31.09 -16.13 7.74
O4 NAG E . -33.24 -14.26 6.96
O5 NAG E . -30.17 -12.59 5.94
O6 NAG E . -32.23 -11.13 7.36
O7 NAG E . -27.98 -16.67 7.98
C1 NAG E . -33.82 -13.85 8.23
C2 NAG E . -35.34 -13.78 8.12
C3 NAG E . -35.96 -13.42 9.47
C4 NAG E . -35.42 -14.31 10.59
C5 NAG E . -33.90 -14.38 10.55
C6 NAG E . -33.33 -15.39 11.52
C7 NAG E . -35.93 -13.13 5.81
C8 NAG E . -36.36 -12.00 4.92
N2 NAG E . -35.75 -12.82 7.11
O3 NAG E . -37.37 -13.53 9.39
O4 NAG E . -35.78 -13.74 11.84
O5 NAG E . -33.45 -14.77 9.24
O6 NAG E . -31.92 -15.30 11.59
O7 NAG E . -35.73 -14.26 5.39
C1 BMA E . -36.95 -14.35 12.42
C2 BMA E . -36.71 -14.37 13.94
C3 BMA E . -37.96 -14.77 14.73
C4 BMA E . -39.28 -14.22 14.14
C5 BMA E . -39.31 -14.21 12.58
C6 BMA E . -40.50 -13.39 12.03
O2 BMA E . -36.33 -13.08 14.42
O3 BMA E . -37.85 -14.32 16.08
O4 BMA E . -40.35 -15.01 14.61
O5 BMA E . -38.11 -13.62 12.10
O6 BMA E . -40.50 -13.47 10.60
C1 MAN E . -37.32 -15.34 16.96
C2 MAN E . -37.64 -14.87 18.40
C3 MAN E . -36.79 -13.64 18.71
C4 MAN E . -35.31 -13.98 18.56
C5 MAN E . -35.03 -14.44 17.11
C6 MAN E . -33.61 -14.88 16.87
O2 MAN E . -37.26 -15.86 19.36
O3 MAN E . -37.03 -13.11 20.00
O4 MAN E . -34.52 -12.84 18.85
O5 MAN E . -35.92 -15.55 16.77
O6 MAN E . -33.47 -15.28 15.52
C1 MAN E . -32.19 -17.09 7.67
C2 MAN E . -31.63 -18.45 8.11
C3 MAN E . -32.80 -19.23 8.59
C4 MAN E . -34.01 -19.19 7.57
C5 MAN E . -33.88 -18.17 6.33
C6 MAN E . -35.13 -17.32 6.15
O2 MAN E . -30.73 -18.35 9.23
O3 MAN E . -33.24 -18.76 9.87
O4 MAN E . -34.25 -20.51 7.10
O5 MAN E . -32.73 -17.25 6.38
O6 MAN E . -35.28 -17.07 4.75
N POV F . -28.79 6.84 10.61
P POV F . -26.44 10.61 8.41
C1 POV F . -24.21 9.30 9.14
C2 POV F . -24.64 8.30 10.26
C3 POV F . -23.80 8.50 11.51
C210 POV F . -19.32 1.71 1.44
C310 POV F . -20.73 -0.60 11.35
C11 POV F . -27.97 8.54 9.01
O11 POV F . -24.95 10.54 9.20
C211 POV F . -19.14 3.16 0.90
C311 POV F . -20.94 -2.05 11.88
C12 POV F . -28.95 8.21 10.15
O12 POV F . -27.56 9.84 9.37
C212 POV F . -19.26 3.14 -0.65
C312 POV F . -21.90 -2.83 10.94
C13 POV F . -27.44 6.54 11.07
O13 POV F . -26.82 12.05 8.26
C213 POV F . -20.22 4.29 -1.11
C313 POV F . -23.13 -3.28 11.73
C14 POV F . -29.72 6.58 11.68
O14 POV F . -26.40 9.91 7.08
C214 POV F . -19.75 4.87 -2.47
C314 POV F . -23.96 -4.26 10.87
C15 POV F . -29.08 6.06 9.44
C215 POV F . -18.77 6.06 -2.21
C315 POV F . -24.21 -3.59 9.52
C216 POV F . -19.14 7.24 -3.13
C316 POV F . -25.29 -4.36 8.72
C217 POV F . -17.87 8.06 -3.50
C218 POV F . -18.28 9.20 -4.43
C21 POV F . -23.64 6.31 9.10
O21 POV F . -24.68 6.93 9.87
C22 POV F . -23.52 4.77 8.95
O22 POV F . -22.83 6.97 8.53
C23 POV F . -22.63 4.48 7.69
C24 POV F . -21.12 4.76 7.96
C25 POV F . -20.22 3.64 7.37
C26 POV F . -20.34 3.71 5.83
C27 POV F . -19.89 2.37 5.17
C28 POV F . -19.50 2.75 3.69
C29 POV F . -19.50 1.52 2.77
C31 POV F . -23.63 8.11 13.80
O31 POV F . -24.44 7.94 12.64
C32 POV F . -23.27 6.92 14.73
O32 POV F . -23.21 9.19 14.06
C33 POV F . -21.76 6.63 14.58
C34 POV F . -21.37 5.36 15.41
C35 POV F . -20.63 4.36 14.47
C36 POV F . -20.74 2.90 15.01
C37 POV F . -19.87 1.96 14.16
C38 POV F . -20.71 1.32 13.04
C39 POV F . -19.88 0.18 12.39
CBD CUY G . -15.14 10.03 0.73
CBE CUY G . -14.18 8.91 0.95
CBF CUY G . -13.14 9.32 1.94
CBG CUY G . -13.20 9.10 3.22
CBH CUY G . -14.35 8.46 3.86
CBI CUY G . -13.95 7.35 4.80
CBJ CUY G . -14.68 7.41 6.13
CBK CUY G . -15.64 6.26 6.38
CBL CUY G . -15.01 4.90 6.52
CBM CUY G . -15.98 3.75 6.79
CAW CUY G . -15.10 2.55 7.00
CAV CUY G . -15.85 1.30 7.23
CAU CUY G . -16.27 0.63 8.23
CAT CUY G . -16.36 0.90 9.68
CAS CUY G . -15.51 0.02 10.55
CAR CUY G . -16.15 -0.49 11.82
OAQ CUY G . -15.33 -0.23 12.94
CAP CUY G . -15.22 -1.10 14.10
OBO CUY G . -14.74 -2.18 14.01
CAO CUY G . -15.64 -0.74 15.49
CAN CUY G . -14.55 -1.21 16.44
CAM CUY G . -14.95 -0.91 17.86
CAL CUY G . -13.84 -1.41 18.69
CAK CUY G . -14.47 -1.87 19.96
CAJ CUY G . -13.92 -1.06 21.05
CAI CUY G . -14.74 0.19 21.18
CAH CUY G . -15.77 0.02 22.25
CAG CUY G . -16.52 1.32 22.42
CAF CUY G . -17.99 1.05 22.25
CAE CUY G . -18.63 1.79 21.13
CAD CUY G . -20.09 1.41 21.05
CAC CUY G . -20.78 2.24 20.00
CAB CUY G . -22.24 1.89 19.88
CAA CUY G . -22.96 2.82 18.95
C1 CUY G . -15.76 9.95 -0.63
C2 CUY G . -16.89 10.94 -0.80
C3 CUY G . -17.58 10.78 -2.15
CL CL H . -13.83 15.55 9.96
CL CL I . 21.81 -3.58 -17.00
CL CL J . -9.65 -8.99 7.33
CL CL K . -28.00 6.30 2.69
CL CL L . 11.40 -28.00 -9.68
CL CL M . -16.09 -5.74 27.26
C1 EDO N . -2.17 2.99 20.17
O1 EDO N . -2.69 1.71 20.06
C2 EDO N . -2.28 3.79 18.89
O2 EDO N . -1.48 4.97 19.00
C1 EDO O . -14.34 14.43 30.07
O1 EDO O . -13.43 14.04 31.11
C2 EDO O . -14.90 13.19 29.39
O2 EDO O . -15.77 13.56 28.32
NA NA P . -14.60 9.63 29.67
I IOD Q . -24.96 -2.78 -14.98
I IOD R . -3.16 -2.09 -11.12
CL CL S . 23.13 8.58 5.12
C1 EDO T . 15.97 -0.89 17.82
O1 EDO T . 16.37 0.20 18.67
C2 EDO T . 14.70 -1.57 18.35
O2 EDO T . 14.07 -0.72 19.30
#